data_3WBY
#
_entry.id   3WBY
#
_cell.length_a   55.638
_cell.length_b   76.587
_cell.length_c   125.624
_cell.angle_alpha   90.00
_cell.angle_beta   90.00
_cell.angle_gamma   90.00
#
_symmetry.space_group_name_H-M   'P 21 21 21'
#
loop_
_entity.id
_entity.type
_entity.pdbx_description
1 polymer 'Putative 2,5-diketo-D-gluconic acid reductase'
2 non-polymer 'NADPH DIHYDRO-NICOTINAMIDE-ADENINE-DINUCLEOTIDE PHOSPHATE'
#
_entity_poly.entity_id   1
_entity_poly.type   'polypeptide(L)'
_entity_poly.pdbx_seq_one_letter_code
;GSHMSSQVPSAEAQTVISFHDGHTMPQIGLGVWETPPDETAEVVKEAVKLGYRSVATARLYKNEEGVGKGLEDHPEIFLT
TKLWNDEQGYDSTLRAYEESARLLRRPVLDLYLIHWPMPAQGQYVETWKALVELKKSGRVKSIGVSNFESEHLERIMDAT
GVVPVVNQIELHPDFQQRALREFHEKHNIRTESWRPLGKGRVLSDERIGKIAEKHSRTPAQVVIRWHLQNGLIVIPKSVN
PKRLAENLDVFGFVLDADDMQAIEQMDRKDGRMGADPNTAKF
;
_entity_poly.pdbx_strand_id   A,B
#
loop_
_chem_comp.id
_chem_comp.type
_chem_comp.name
_chem_comp.formula
NDP non-polymer 'NADPH DIHYDRO-NICOTINAMIDE-ADENINE-DINUCLEOTIDE PHOSPHATE' 'C21 H30 N7 O17 P3'
#
# COMPACT_ATOMS: atom_id res chain seq x y z
N GLU A 12 15.17 -12.81 -7.25
CA GLU A 12 15.08 -11.75 -6.20
C GLU A 12 13.67 -11.14 -6.17
N ALA A 13 13.19 -10.87 -4.96
CA ALA A 13 11.85 -10.32 -4.81
C ALA A 13 11.80 -8.93 -5.42
N GLN A 14 10.58 -8.56 -5.82
CA GLN A 14 10.30 -7.33 -6.56
C GLN A 14 10.42 -6.09 -5.68
N THR A 15 10.05 -4.95 -6.25
CA THR A 15 10.01 -3.70 -5.52
C THR A 15 8.65 -3.06 -5.64
N VAL A 16 8.42 -2.06 -4.78
CA VAL A 16 7.19 -1.26 -4.76
C VAL A 16 7.53 0.21 -4.67
N ILE A 17 6.71 1.04 -5.31
CA ILE A 17 6.78 2.46 -5.11
C ILE A 17 5.64 2.94 -4.22
N SER A 18 5.92 3.91 -3.35
CA SER A 18 4.92 4.49 -2.44
C SER A 18 4.53 5.90 -2.82
N PHE A 19 3.43 6.35 -2.25
CA PHE A 19 2.80 7.61 -2.61
C PHE A 19 2.79 8.59 -1.47
N HIS A 20 2.65 9.87 -1.81
CA HIS A 20 2.52 10.88 -0.75
C HIS A 20 1.35 10.53 0.20
N ASP A 21 0.22 10.02 -0.31
CA ASP A 21 -0.90 9.69 0.58
C ASP A 21 -0.66 8.42 1.36
N GLY A 22 0.61 7.99 1.47
CA GLY A 22 0.99 6.86 2.34
C GLY A 22 0.66 5.44 1.88
N HIS A 23 -0.13 5.30 0.83
CA HIS A 23 -0.38 4.01 0.21
C HIS A 23 0.83 3.64 -0.62
N THR A 24 0.90 2.38 -1.04
CA THR A 24 2.07 1.81 -1.69
C THR A 24 1.71 0.94 -2.86
N MET A 25 2.34 1.15 -4.00
CA MET A 25 2.01 0.42 -5.23
C MET A 25 3.24 -0.29 -5.83
N PRO A 26 3.15 -1.61 -6.08
CA PRO A 26 4.22 -2.35 -6.74
C PRO A 26 4.72 -1.63 -7.97
N GLN A 27 6.03 -1.56 -8.15
CA GLN A 27 6.58 -0.76 -9.23
C GLN A 27 6.43 -1.48 -10.56
N ILE A 28 6.15 -2.77 -10.51
CA ILE A 28 5.81 -3.54 -11.69
C ILE A 28 4.38 -4.07 -11.65
N GLY A 29 3.75 -4.17 -12.82
CA GLY A 29 2.42 -4.75 -12.94
C GLY A 29 2.07 -5.08 -14.38
N LEU A 30 0.87 -5.59 -14.59
CA LEU A 30 0.41 -6.00 -15.91
C LEU A 30 -0.51 -4.98 -16.54
N GLY A 31 -0.18 -4.57 -17.77
CA GLY A 31 -1.09 -3.77 -18.60
C GLY A 31 -2.17 -4.64 -19.23
N VAL A 32 -3.35 -4.08 -19.43
CA VAL A 32 -4.45 -4.83 -20.05
C VAL A 32 -5.09 -3.98 -21.17
N TRP A 33 -4.25 -3.63 -22.12
CA TRP A 33 -4.65 -2.81 -23.20
C TRP A 33 -4.95 -3.80 -24.31
N GLU A 34 -6.04 -3.57 -25.03
CA GLU A 34 -6.33 -4.31 -26.27
C GLU A 34 -6.86 -5.72 -25.99
N THR A 35 -6.00 -6.55 -25.39
CA THR A 35 -6.38 -7.85 -24.90
C THR A 35 -7.90 -7.90 -24.68
N PRO A 36 -8.61 -8.76 -25.45
CA PRO A 36 -10.09 -8.72 -25.58
C PRO A 36 -10.89 -9.31 -24.41
N PRO A 37 -12.00 -8.65 -24.03
CA PRO A 37 -12.87 -8.94 -22.88
C PRO A 37 -12.98 -10.40 -22.36
N ASP A 38 -13.17 -11.38 -23.26
CA ASP A 38 -13.37 -12.79 -22.84
C ASP A 38 -12.08 -13.57 -22.59
N GLU A 39 -11.03 -13.13 -23.26
CA GLU A 39 -9.68 -13.61 -22.96
C GLU A 39 -9.09 -12.79 -21.81
N THR A 40 -9.64 -11.60 -21.56
CA THR A 40 -9.20 -10.77 -20.44
C THR A 40 -9.26 -11.65 -19.21
N ALA A 41 -10.49 -12.03 -18.83
CA ALA A 41 -10.71 -13.03 -17.78
C ALA A 41 -9.56 -14.03 -17.72
N GLU A 42 -9.39 -14.80 -18.78
CA GLU A 42 -8.36 -15.82 -18.81
C GLU A 42 -7.00 -15.20 -18.49
N VAL A 43 -6.57 -14.23 -19.28
CA VAL A 43 -5.17 -13.79 -19.27
C VAL A 43 -4.69 -13.28 -17.91
N VAL A 44 -5.65 -12.77 -17.14
CA VAL A 44 -5.43 -12.21 -15.80
C VAL A 44 -4.92 -13.32 -14.87
N LYS A 45 -5.79 -14.29 -14.57
CA LYS A 45 -5.42 -15.42 -13.73
C LYS A 45 -4.05 -16.01 -14.14
N GLU A 46 -3.93 -16.35 -15.42
CA GLU A 46 -2.69 -16.85 -15.98
C GLU A 46 -1.53 -15.98 -15.51
N ALA A 47 -1.73 -14.67 -15.60
CA ALA A 47 -0.73 -13.68 -15.20
C ALA A 47 -0.42 -13.68 -13.70
N VAL A 48 -1.48 -13.57 -12.89
CA VAL A 48 -1.34 -13.61 -11.43
C VAL A 48 -0.49 -14.78 -10.98
N LYS A 49 -0.81 -15.95 -11.52
CA LYS A 49 -0.01 -17.17 -11.28
C LYS A 49 1.51 -17.02 -11.55
N LEU A 50 1.89 -15.99 -12.31
CA LEU A 50 3.29 -15.74 -12.62
C LEU A 50 3.95 -14.97 -11.50
N GLY A 51 3.13 -14.42 -10.62
CA GLY A 51 3.61 -13.55 -9.54
C GLY A 51 3.45 -12.08 -9.85
N TYR A 52 2.64 -11.79 -10.86
CA TYR A 52 2.21 -10.44 -11.17
C TYR A 52 1.32 -9.91 -10.04
N ARG A 53 1.66 -8.70 -9.57
CA ARG A 53 1.09 -8.15 -8.33
C ARG A 53 0.10 -7.00 -8.47
N SER A 54 0.33 -6.18 -9.48
CA SER A 54 -0.57 -5.11 -9.86
C SER A 54 -1.20 -5.51 -11.18
N VAL A 55 -2.43 -5.05 -11.34
CA VAL A 55 -3.07 -5.05 -12.63
C VAL A 55 -3.60 -3.65 -12.91
N ALA A 56 -3.59 -3.31 -14.19
CA ALA A 56 -4.06 -2.03 -14.63
C ALA A 56 -4.75 -2.17 -15.99
N THR A 57 -6.03 -1.77 -16.01
CA THR A 57 -6.80 -1.60 -17.25
C THR A 57 -7.35 -0.19 -17.31
N ALA A 58 -8.15 0.07 -18.33
CA ALA A 58 -8.95 1.30 -18.39
C ALA A 58 -10.39 1.04 -18.82
N ARG A 59 -11.25 2.02 -18.49
CA ARG A 59 -12.65 1.95 -18.84
C ARG A 59 -12.79 1.76 -20.32
N LEU A 60 -12.04 2.56 -21.07
CA LEU A 60 -12.05 2.52 -22.53
C LEU A 60 -12.09 1.10 -23.07
N TYR A 61 -11.20 0.23 -22.63
CA TYR A 61 -11.07 -1.09 -23.26
C TYR A 61 -12.32 -1.97 -23.00
N LYS A 62 -13.14 -1.62 -22.01
CA LYS A 62 -14.34 -2.38 -21.63
C LYS A 62 -13.98 -3.83 -21.39
N ASN A 63 -13.19 -4.06 -20.34
CA ASN A 63 -12.82 -5.40 -19.84
C ASN A 63 -12.61 -5.40 -18.33
N GLU A 64 -13.38 -4.54 -17.70
CA GLU A 64 -13.43 -4.43 -16.26
C GLU A 64 -14.18 -5.67 -15.73
N GLU A 65 -15.28 -6.01 -16.41
CA GLU A 65 -16.04 -7.28 -16.20
C GLU A 65 -15.14 -8.52 -16.22
N GLY A 66 -14.37 -8.66 -17.29
CA GLY A 66 -13.36 -9.70 -17.40
C GLY A 66 -12.26 -9.62 -16.36
N VAL A 67 -11.99 -8.43 -15.85
CA VAL A 67 -10.99 -8.31 -14.78
C VAL A 67 -11.59 -8.74 -13.45
N GLY A 68 -12.78 -8.20 -13.13
CA GLY A 68 -13.47 -8.52 -11.89
C GLY A 68 -13.91 -9.96 -11.69
N LYS A 69 -14.01 -10.69 -12.80
CA LYS A 69 -14.13 -12.14 -12.77
C LYS A 69 -12.72 -12.72 -12.67
N GLY A 70 -11.86 -12.35 -13.61
CA GLY A 70 -10.48 -12.76 -13.56
C GLY A 70 -9.88 -12.69 -12.17
N LEU A 71 -10.22 -11.64 -11.39
CA LEU A 71 -9.66 -11.42 -10.04
C LEU A 71 -10.55 -11.83 -8.86
N GLU A 72 -11.56 -12.64 -9.15
CA GLU A 72 -12.35 -13.28 -8.12
C GLU A 72 -11.37 -14.02 -7.23
N ASP A 73 -11.40 -13.68 -5.95
CA ASP A 73 -10.60 -14.33 -4.93
C ASP A 73 -9.13 -14.12 -5.20
N HIS A 74 -8.81 -12.89 -5.57
CA HIS A 74 -7.46 -12.37 -5.54
C HIS A 74 -7.50 -10.88 -5.20
N PRO A 75 -7.90 -10.55 -3.94
CA PRO A 75 -7.85 -9.15 -3.50
C PRO A 75 -6.41 -8.70 -3.23
N GLU A 76 -5.52 -9.64 -2.95
CA GLU A 76 -4.13 -9.32 -2.66
C GLU A 76 -3.46 -8.37 -3.63
N ILE A 77 -4.13 -8.02 -4.73
CA ILE A 77 -3.49 -7.43 -5.92
C ILE A 77 -3.93 -6.01 -6.21
N PHE A 78 -2.96 -5.17 -6.60
CA PHE A 78 -3.19 -3.74 -6.82
C PHE A 78 -3.88 -3.49 -8.16
N LEU A 79 -5.02 -2.84 -8.09
CA LEU A 79 -5.88 -2.71 -9.21
C LEU A 79 -6.03 -1.26 -9.54
N THR A 80 -5.66 -0.89 -10.75
CA THR A 80 -5.72 0.47 -11.28
C THR A 80 -6.79 0.54 -12.37
N THR A 81 -7.56 1.60 -12.42
CA THR A 81 -8.43 1.81 -13.61
C THR A 81 -8.66 3.28 -13.98
N LYS A 82 -9.05 3.54 -15.23
CA LYS A 82 -9.11 4.90 -15.72
C LYS A 82 -10.50 5.35 -16.18
N LEU A 83 -10.98 6.45 -15.59
CA LEU A 83 -12.19 7.16 -16.03
C LEU A 83 -12.10 7.76 -17.44
N TRP A 84 -12.92 7.25 -18.36
CA TRP A 84 -12.87 7.69 -19.76
C TRP A 84 -13.40 9.13 -19.99
N ASN A 85 -13.08 9.70 -21.14
CA ASN A 85 -13.41 11.10 -21.48
C ASN A 85 -14.90 11.52 -21.58
N ASP A 86 -15.80 10.60 -21.90
CA ASP A 86 -17.23 10.94 -21.96
C ASP A 86 -17.97 10.89 -20.61
N GLU A 87 -17.25 10.64 -19.51
CA GLU A 87 -17.83 10.55 -18.19
C GLU A 87 -17.43 11.70 -17.28
N GLN A 88 -16.74 12.69 -17.83
CA GLN A 88 -16.18 13.77 -16.99
C GLN A 88 -17.24 14.69 -16.31
N GLY A 89 -16.76 15.63 -15.49
CA GLY A 89 -17.61 16.49 -14.65
C GLY A 89 -17.61 15.96 -13.23
N TYR A 90 -18.42 16.57 -12.36
CA TYR A 90 -18.53 16.11 -10.97
C TYR A 90 -19.47 14.90 -10.79
N ASP A 91 -20.78 15.07 -10.97
CA ASP A 91 -21.74 13.99 -10.64
C ASP A 91 -21.61 12.77 -11.57
N SER A 92 -21.08 12.99 -12.77
CA SER A 92 -20.96 11.97 -13.80
C SER A 92 -19.76 11.06 -13.55
N THR A 93 -18.79 11.56 -12.80
CA THR A 93 -17.60 10.79 -12.43
C THR A 93 -17.91 9.83 -11.29
N LEU A 94 -18.45 10.35 -10.18
CA LEU A 94 -18.90 9.47 -9.07
C LEU A 94 -19.68 8.23 -9.62
N ARG A 95 -20.68 8.50 -10.48
CA ARG A 95 -21.41 7.45 -11.19
C ARG A 95 -20.44 6.51 -11.89
N ALA A 96 -19.47 7.09 -12.57
CA ALA A 96 -18.56 6.31 -13.39
C ALA A 96 -17.74 5.36 -12.53
N TYR A 97 -17.38 5.86 -11.35
CA TYR A 97 -16.58 5.09 -10.43
C TYR A 97 -17.36 3.87 -9.93
N GLU A 98 -18.55 4.10 -9.35
CA GLU A 98 -19.31 2.96 -8.79
C GLU A 98 -19.27 1.80 -9.78
N GLU A 99 -19.61 2.13 -11.02
CA GLU A 99 -19.82 1.15 -12.04
C GLU A 99 -18.53 0.42 -12.41
N SER A 100 -17.44 1.17 -12.51
CA SER A 100 -16.14 0.54 -12.74
C SER A 100 -15.90 -0.45 -11.59
N ALA A 101 -16.09 0.04 -10.38
CA ALA A 101 -15.94 -0.74 -9.17
C ALA A 101 -16.80 -2.01 -9.18
N ARG A 102 -18.02 -1.87 -9.70
CA ARG A 102 -18.97 -2.99 -9.94
C ARG A 102 -18.49 -4.04 -10.92
N LEU A 103 -18.06 -3.61 -12.11
CA LEU A 103 -17.62 -4.56 -13.14
C LEU A 103 -16.29 -5.20 -12.72
N LEU A 104 -15.42 -4.36 -12.19
CA LEU A 104 -14.18 -4.81 -11.60
C LEU A 104 -14.41 -5.63 -10.35
N ARG A 105 -15.42 -5.27 -9.58
CA ARG A 105 -15.75 -6.00 -8.37
C ARG A 105 -14.64 -5.87 -7.33
N ARG A 106 -14.52 -4.67 -6.78
CA ARG A 106 -13.79 -4.47 -5.57
C ARG A 106 -14.18 -3.10 -5.20
N PRO A 107 -15.39 -2.93 -4.68
CA PRO A 107 -16.03 -1.66 -4.34
C PRO A 107 -15.08 -0.51 -4.03
N VAL A 108 -14.01 -0.79 -3.29
CA VAL A 108 -12.96 0.18 -2.99
C VAL A 108 -11.67 -0.20 -3.73
N LEU A 109 -11.37 0.61 -4.74
CA LEU A 109 -10.23 0.33 -5.61
C LEU A 109 -8.95 0.99 -5.13
N ASP A 110 -7.87 0.57 -5.79
CA ASP A 110 -6.55 0.94 -5.36
C ASP A 110 -6.18 2.27 -5.96
N LEU A 111 -6.34 2.36 -7.26
CA LEU A 111 -5.90 3.53 -7.94
C LEU A 111 -6.94 3.87 -8.97
N TYR A 112 -7.19 5.16 -9.16
CA TYR A 112 -8.18 5.63 -10.10
C TYR A 112 -7.59 6.81 -10.83
N LEU A 113 -7.57 6.70 -12.16
CA LEU A 113 -6.93 7.69 -13.01
C LEU A 113 -7.89 8.38 -13.99
N ILE A 114 -7.69 9.69 -14.16
CA ILE A 114 -8.43 10.44 -15.16
C ILE A 114 -7.71 10.21 -16.47
N HIS A 115 -8.38 9.58 -17.42
CA HIS A 115 -7.69 9.09 -18.61
C HIS A 115 -6.93 10.16 -19.36
N TRP A 116 -7.62 11.23 -19.74
CA TRP A 116 -7.04 12.43 -20.37
C TRP A 116 -7.60 13.70 -19.71
N PRO A 117 -6.85 14.82 -19.77
CA PRO A 117 -7.42 16.13 -19.40
C PRO A 117 -8.55 16.60 -20.34
N MET A 118 -8.23 16.73 -21.63
CA MET A 118 -9.18 17.31 -22.62
C MET A 118 -9.54 18.76 -22.27
N PRO A 119 -8.54 19.68 -22.27
CA PRO A 119 -8.63 21.01 -21.66
C PRO A 119 -9.56 21.95 -22.39
N ALA A 120 -9.70 21.74 -23.70
CA ALA A 120 -10.74 22.39 -24.50
C ALA A 120 -12.15 22.07 -23.97
N GLN A 121 -12.33 20.84 -23.46
CA GLN A 121 -13.59 20.37 -22.88
C GLN A 121 -13.81 20.99 -21.50
N GLY A 122 -12.76 21.60 -20.97
CA GLY A 122 -12.81 22.43 -19.75
C GLY A 122 -13.49 21.88 -18.50
N GLN A 123 -13.77 20.58 -18.52
CA GLN A 123 -14.71 19.93 -17.58
C GLN A 123 -13.92 19.07 -16.60
N TYR A 124 -12.58 19.15 -16.68
CA TYR A 124 -11.67 18.18 -16.03
C TYR A 124 -11.27 18.56 -14.64
N VAL A 125 -11.44 19.83 -14.27
CA VAL A 125 -11.21 20.24 -12.89
C VAL A 125 -12.41 19.82 -12.08
N GLU A 126 -13.60 19.99 -12.65
CA GLU A 126 -14.79 19.40 -12.05
C GLU A 126 -14.52 17.95 -11.76
N THR A 127 -13.86 17.30 -12.70
CA THR A 127 -13.58 15.89 -12.56
C THR A 127 -12.67 15.51 -11.37
N TRP A 128 -11.72 16.38 -11.02
CA TRP A 128 -10.79 16.12 -9.88
C TRP A 128 -11.44 16.21 -8.48
N LYS A 129 -12.41 17.12 -8.32
CA LYS A 129 -13.19 17.25 -7.08
C LYS A 129 -13.96 15.97 -6.83
N ALA A 130 -14.64 15.49 -7.86
CA ALA A 130 -15.29 14.20 -7.78
C ALA A 130 -14.33 13.18 -7.22
N LEU A 131 -13.07 13.26 -7.64
CA LEU A 131 -12.01 12.33 -7.16
C LEU A 131 -11.66 12.57 -5.70
N VAL A 132 -11.29 13.82 -5.36
CA VAL A 132 -10.90 14.14 -3.96
C VAL A 132 -11.98 13.71 -3.00
N GLU A 133 -13.22 13.83 -3.45
CA GLU A 133 -14.35 13.28 -2.77
C GLU A 133 -14.19 11.78 -2.49
N LEU A 134 -14.06 11.00 -3.55
CA LEU A 134 -14.08 9.54 -3.43
C LEU A 134 -13.06 8.98 -2.43
N LYS A 135 -11.98 9.75 -2.22
CA LYS A 135 -10.90 9.40 -1.30
C LYS A 135 -11.17 9.93 0.13
N LYS A 136 -11.79 11.10 0.23
CA LYS A 136 -12.30 11.61 1.51
C LYS A 136 -13.42 10.75 2.05
N SER A 137 -14.21 10.14 1.17
CA SER A 137 -15.14 9.08 1.56
C SER A 137 -14.34 7.82 1.93
N GLY A 138 -13.20 7.62 1.29
CA GLY A 138 -12.51 6.35 1.38
C GLY A 138 -13.29 5.32 0.59
N ARG A 139 -13.72 5.69 -0.62
CA ARG A 139 -14.29 4.73 -1.55
C ARG A 139 -13.35 4.42 -2.69
N VAL A 140 -12.28 5.21 -2.84
CA VAL A 140 -11.08 4.74 -3.53
C VAL A 140 -9.91 4.92 -2.58
N LYS A 141 -8.90 4.07 -2.71
CA LYS A 141 -7.71 4.19 -1.90
C LYS A 141 -6.82 5.35 -2.34
N SER A 142 -6.46 5.40 -3.62
CA SER A 142 -5.48 6.38 -4.11
C SER A 142 -5.91 7.03 -5.46
N ILE A 143 -5.91 8.35 -5.52
CA ILE A 143 -6.38 9.02 -6.72
C ILE A 143 -5.23 9.67 -7.46
N GLY A 144 -5.39 9.76 -8.79
CA GLY A 144 -4.36 10.33 -9.62
C GLY A 144 -4.91 10.55 -11.00
N VAL A 145 -4.04 10.98 -11.93
CA VAL A 145 -4.44 11.36 -13.30
C VAL A 145 -3.58 10.73 -14.39
N SER A 146 -4.02 10.89 -15.64
CA SER A 146 -3.31 10.32 -16.79
C SER A 146 -3.24 11.28 -17.96
N ASN A 147 -2.02 11.58 -18.40
CA ASN A 147 -1.77 12.50 -19.50
C ASN A 147 -1.91 14.00 -19.15
N PHE A 148 -1.61 14.38 -17.92
CA PHE A 148 -1.64 15.80 -17.59
C PHE A 148 -0.26 16.43 -17.81
N GLU A 149 -0.23 17.76 -17.94
CA GLU A 149 1.00 18.57 -18.18
C GLU A 149 1.40 19.37 -16.91
N SER A 150 2.28 20.37 -17.05
CA SER A 150 2.52 21.33 -15.96
C SER A 150 1.28 22.20 -15.75
N GLU A 151 1.07 23.12 -16.67
CA GLU A 151 -0.22 23.81 -16.86
C GLU A 151 -1.43 23.06 -16.23
N HIS A 152 -1.64 21.81 -16.61
CA HIS A 152 -2.84 21.10 -16.18
C HIS A 152 -2.85 20.66 -14.74
N LEU A 153 -1.70 20.37 -14.16
CA LEU A 153 -1.63 19.83 -12.77
C LEU A 153 -1.69 20.95 -11.74
N GLU A 154 -0.73 21.87 -11.83
CA GLU A 154 -0.80 23.20 -11.23
C GLU A 154 -2.24 23.64 -11.16
N ARG A 155 -2.91 23.66 -12.30
CA ARG A 155 -4.29 24.11 -12.37
C ARG A 155 -5.21 23.44 -11.36
N ILE A 156 -4.95 22.17 -11.04
CA ILE A 156 -5.87 21.35 -10.23
C ILE A 156 -5.44 21.22 -8.78
N MET A 157 -4.15 21.39 -8.56
CA MET A 157 -3.59 21.49 -7.23
C MET A 157 -3.96 22.83 -6.56
N ASP A 158 -4.02 23.91 -7.34
CA ASP A 158 -4.54 25.20 -6.86
C ASP A 158 -6.06 25.14 -6.70
N ALA A 159 -6.75 24.67 -7.71
CA ALA A 159 -8.19 24.55 -7.60
C ALA A 159 -8.67 23.80 -6.36
N THR A 160 -8.04 22.67 -5.98
CA THR A 160 -8.55 21.81 -4.87
C THR A 160 -7.57 21.33 -3.79
N GLY A 161 -6.36 21.91 -3.79
CA GLY A 161 -5.39 21.72 -2.68
C GLY A 161 -4.75 20.35 -2.47
N VAL A 162 -5.22 19.33 -3.20
CA VAL A 162 -4.67 17.97 -3.15
C VAL A 162 -4.01 17.62 -4.49
N VAL A 163 -2.75 17.21 -4.39
CA VAL A 163 -2.00 16.73 -5.52
C VAL A 163 -2.46 15.30 -5.82
N PRO A 164 -2.64 14.95 -7.09
CA PRO A 164 -2.80 13.55 -7.49
C PRO A 164 -1.54 12.73 -7.17
N VAL A 165 -1.68 11.48 -6.75
CA VAL A 165 -0.49 10.70 -6.27
C VAL A 165 0.40 10.27 -7.44
N VAL A 166 -0.24 10.08 -8.60
CA VAL A 166 0.37 9.59 -9.83
C VAL A 166 -0.26 10.35 -10.97
N ASN A 167 0.60 10.73 -11.92
CA ASN A 167 0.19 11.15 -13.26
C ASN A 167 0.83 10.26 -14.29
N GLN A 168 0.00 9.57 -15.06
CA GLN A 168 0.49 8.59 -16.01
C GLN A 168 0.69 9.30 -17.31
N ILE A 169 1.81 9.00 -17.99
CA ILE A 169 2.23 9.75 -19.18
C ILE A 169 3.06 8.92 -20.18
N GLU A 170 3.04 9.31 -21.46
CA GLU A 170 3.89 8.68 -22.48
C GLU A 170 5.37 8.87 -22.19
N LEU A 171 6.14 7.80 -22.33
CA LEU A 171 7.53 7.84 -21.92
C LEU A 171 8.20 6.46 -22.05
N HIS A 172 9.45 6.47 -22.44
CA HIS A 172 10.12 5.30 -22.95
C HIS A 172 11.36 5.91 -23.57
N PRO A 173 12.43 5.12 -23.76
CA PRO A 173 13.78 5.63 -24.08
C PRO A 173 13.85 6.84 -25.05
N ASP A 174 13.04 6.80 -26.12
CA ASP A 174 12.99 7.86 -27.15
C ASP A 174 12.19 9.11 -26.72
N PHE A 175 11.68 9.13 -25.49
CA PHE A 175 10.88 10.23 -24.96
C PHE A 175 10.91 10.05 -23.46
N GLN A 176 11.46 11.04 -22.76
CA GLN A 176 11.80 10.91 -21.35
C GLN A 176 11.19 12.01 -20.50
N GLN A 177 10.21 12.71 -21.06
CA GLN A 177 9.61 13.86 -20.40
C GLN A 177 10.34 14.31 -19.15
N ARG A 178 11.57 14.79 -19.30
CA ARG A 178 12.39 15.17 -18.15
C ARG A 178 11.94 16.51 -17.62
N ALA A 179 11.33 17.32 -18.46
CA ALA A 179 10.66 18.52 -17.98
C ALA A 179 9.60 18.12 -16.98
N LEU A 180 8.68 17.28 -17.42
CA LEU A 180 7.56 16.92 -16.59
C LEU A 180 7.97 16.09 -15.36
N ARG A 181 9.08 15.35 -15.47
CA ARG A 181 9.58 14.56 -14.37
C ARG A 181 10.34 15.42 -13.39
N GLU A 182 10.81 16.58 -13.88
CA GLU A 182 11.25 17.67 -13.00
C GLU A 182 10.05 18.29 -12.25
N PHE A 183 9.06 18.80 -12.95
CA PHE A 183 7.86 19.26 -12.28
C PHE A 183 7.35 18.16 -11.33
N HIS A 184 7.14 16.94 -11.83
CA HIS A 184 6.58 15.85 -11.02
C HIS A 184 7.27 15.69 -9.69
N GLU A 185 8.54 15.29 -9.73
CA GLU A 185 9.43 15.18 -8.56
C GLU A 185 9.28 16.33 -7.54
N LYS A 186 9.18 17.57 -8.02
CA LYS A 186 8.99 18.75 -7.15
C LYS A 186 7.57 18.89 -6.55
N HIS A 187 6.67 17.96 -6.85
CA HIS A 187 5.36 17.92 -6.17
C HIS A 187 5.01 16.53 -5.61
N ASN A 188 6.03 15.70 -5.42
CA ASN A 188 5.82 14.42 -4.80
C ASN A 188 4.92 13.53 -5.66
N ILE A 189 5.01 13.68 -6.97
CA ILE A 189 4.12 12.95 -7.83
C ILE A 189 4.85 11.82 -8.50
N ARG A 190 4.17 10.67 -8.50
CA ARG A 190 4.68 9.48 -9.13
C ARG A 190 4.30 9.46 -10.61
N THR A 191 5.18 8.89 -11.40
CA THR A 191 5.16 9.06 -12.80
C THR A 191 5.10 7.67 -13.41
N GLU A 192 3.96 7.35 -14.02
CA GLU A 192 3.73 6.03 -14.60
C GLU A 192 4.05 6.10 -16.07
N SER A 193 4.77 5.11 -16.57
CA SER A 193 5.14 5.09 -17.97
C SER A 193 4.00 4.53 -18.84
N TRP A 194 3.70 5.23 -19.93
CA TRP A 194 2.72 4.78 -20.91
C TRP A 194 3.44 4.58 -22.24
N ARG A 195 3.14 3.43 -22.85
CA ARG A 195 3.86 2.88 -23.98
C ARG A 195 5.34 2.97 -23.68
N PRO A 196 5.84 2.04 -22.85
CA PRO A 196 7.19 2.07 -22.33
C PRO A 196 8.20 1.41 -23.24
N LEU A 197 7.77 0.89 -24.38
CA LEU A 197 8.70 0.35 -25.33
C LEU A 197 8.67 1.15 -26.63
N GLY A 198 8.02 2.33 -26.60
CA GLY A 198 7.82 3.11 -27.81
C GLY A 198 7.24 2.20 -28.89
N LYS A 199 6.21 1.46 -28.51
CA LYS A 199 5.46 0.56 -29.42
C LYS A 199 6.29 -0.54 -30.06
N GLY A 200 7.50 -0.78 -29.54
CA GLY A 200 8.35 -1.87 -30.01
C GLY A 200 9.44 -1.42 -30.96
N ARG A 201 9.58 -0.10 -31.09
CA ARG A 201 10.61 0.47 -31.94
C ARG A 201 11.96 0.06 -31.39
N VAL A 202 11.99 -0.10 -30.08
CA VAL A 202 13.21 -0.30 -29.37
C VAL A 202 13.57 -1.78 -29.19
N LEU A 203 12.56 -2.66 -29.25
CA LEU A 203 12.80 -4.11 -29.42
C LEU A 203 14.06 -4.44 -30.26
N SER A 204 14.29 -3.64 -31.31
CA SER A 204 15.29 -3.92 -32.33
C SER A 204 16.28 -2.78 -32.51
N ASP A 205 16.34 -1.88 -31.54
CA ASP A 205 17.29 -0.78 -31.59
C ASP A 205 18.66 -1.35 -31.21
N GLU A 206 19.71 -0.87 -31.89
CA GLU A 206 21.05 -1.46 -31.82
C GLU A 206 21.88 -1.07 -30.57
N ARG A 207 21.58 0.07 -29.93
CA ARG A 207 22.15 0.37 -28.60
C ARG A 207 21.74 -0.73 -27.61
N ILE A 208 20.51 -1.22 -27.79
CA ILE A 208 19.89 -2.25 -26.93
C ILE A 208 20.32 -3.67 -27.34
N GLY A 209 20.90 -3.82 -28.53
CA GLY A 209 21.48 -5.10 -28.98
C GLY A 209 22.84 -5.41 -28.36
N LYS A 210 23.45 -4.42 -27.69
CA LYS A 210 24.71 -4.58 -26.96
C LYS A 210 24.48 -4.73 -25.47
N ILE A 211 23.58 -3.91 -24.95
CA ILE A 211 23.30 -3.86 -23.52
C ILE A 211 22.48 -5.07 -23.02
N ALA A 212 21.78 -5.74 -23.93
CA ALA A 212 21.04 -6.96 -23.58
C ALA A 212 21.93 -8.19 -23.71
N GLU A 213 22.86 -8.16 -24.69
CA GLU A 213 23.98 -9.12 -24.76
C GLU A 213 24.76 -9.14 -23.43
N LYS A 214 25.55 -8.08 -23.22
CA LYS A 214 26.16 -7.75 -21.92
C LYS A 214 25.60 -8.48 -20.69
N HIS A 215 24.29 -8.31 -20.45
CA HIS A 215 23.62 -8.84 -19.26
C HIS A 215 22.81 -10.12 -19.50
N SER A 216 23.08 -10.83 -20.60
CA SER A 216 22.48 -12.14 -20.83
C SER A 216 20.94 -12.13 -20.94
N ARG A 217 20.35 -10.97 -21.24
CA ARG A 217 18.89 -10.80 -21.35
C ARG A 217 18.43 -10.40 -22.75
N THR A 218 17.12 -10.28 -22.91
CA THR A 218 16.51 -9.70 -24.12
C THR A 218 16.44 -8.18 -24.06
N PRO A 219 16.41 -7.55 -25.23
CA PRO A 219 16.24 -6.11 -25.36
C PRO A 219 15.16 -5.51 -24.45
N ALA A 220 13.98 -6.10 -24.42
CA ALA A 220 12.90 -5.55 -23.60
C ALA A 220 13.33 -5.36 -22.12
N GLN A 221 13.53 -6.48 -21.41
CA GLN A 221 13.82 -6.46 -19.97
C GLN A 221 14.79 -5.36 -19.66
N VAL A 222 15.87 -5.31 -20.41
CA VAL A 222 16.82 -4.21 -20.33
C VAL A 222 16.12 -2.87 -20.07
N VAL A 223 15.05 -2.62 -20.84
CA VAL A 223 14.36 -1.32 -20.87
C VAL A 223 13.32 -1.26 -19.76
N ILE A 224 12.43 -2.26 -19.71
CA ILE A 224 11.53 -2.42 -18.56
C ILE A 224 12.24 -2.04 -17.26
N ARG A 225 13.47 -2.52 -17.11
CA ARG A 225 14.34 -2.17 -15.99
C ARG A 225 14.71 -0.67 -16.00
N TRP A 226 15.05 -0.14 -17.16
CA TRP A 226 15.35 1.27 -17.25
C TRP A 226 14.30 1.99 -16.44
N HIS A 227 13.04 1.68 -16.72
CA HIS A 227 11.90 2.31 -16.05
C HIS A 227 12.03 2.15 -14.53
N LEU A 228 12.33 0.92 -14.11
CA LEU A 228 12.57 0.57 -12.70
C LEU A 228 13.62 1.43 -12.07
N GLN A 229 14.78 1.52 -12.72
CA GLN A 229 15.87 2.33 -12.18
C GLN A 229 15.71 3.81 -12.45
N ASN A 230 14.47 4.25 -12.70
CA ASN A 230 14.16 5.67 -12.74
C ASN A 230 13.10 6.10 -11.75
N GLY A 231 12.66 5.15 -10.93
CA GLY A 231 11.56 5.37 -10.00
C GLY A 231 10.24 5.44 -10.73
N LEU A 232 10.12 4.71 -11.82
CA LEU A 232 8.91 4.80 -12.62
C LEU A 232 8.04 3.57 -12.46
N ILE A 233 6.83 3.81 -12.00
CA ILE A 233 5.84 2.79 -12.08
C ILE A 233 5.68 2.50 -13.56
N VAL A 234 5.89 1.25 -13.95
CA VAL A 234 5.83 0.82 -15.35
C VAL A 234 4.83 -0.33 -15.47
N ILE A 235 3.98 -0.33 -16.51
CA ILE A 235 2.92 -1.36 -16.61
C ILE A 235 2.84 -2.08 -17.99
N PRO A 236 3.87 -2.90 -18.32
CA PRO A 236 4.03 -3.51 -19.64
C PRO A 236 3.02 -4.62 -19.95
N LYS A 237 2.57 -4.64 -21.20
CA LYS A 237 1.47 -5.50 -21.63
C LYS A 237 2.02 -6.49 -22.63
N SER A 238 1.79 -7.77 -22.34
CA SER A 238 1.97 -8.89 -23.27
C SER A 238 0.85 -9.91 -23.04
N VAL A 239 0.80 -10.98 -23.84
CA VAL A 239 -0.20 -12.05 -23.62
C VAL A 239 0.49 -13.40 -23.58
N ASN A 240 1.25 -13.69 -24.63
CA ASN A 240 2.25 -14.75 -24.65
C ASN A 240 2.97 -14.83 -23.29
N PRO A 241 2.51 -15.76 -22.43
CA PRO A 241 3.05 -15.84 -21.07
C PRO A 241 4.56 -16.01 -20.97
N LYS A 242 5.20 -16.48 -22.04
CA LYS A 242 6.66 -16.54 -22.06
C LYS A 242 7.19 -15.12 -21.84
N ARG A 243 6.55 -14.17 -22.52
CA ARG A 243 6.90 -12.78 -22.37
C ARG A 243 6.50 -12.26 -20.99
N LEU A 244 5.28 -12.56 -20.59
CA LEU A 244 4.83 -12.14 -19.28
C LEU A 244 5.92 -12.34 -18.22
N ALA A 245 6.27 -13.60 -17.95
CA ALA A 245 7.29 -13.95 -16.93
C ALA A 245 8.67 -13.44 -17.31
N GLU A 246 8.87 -13.14 -18.59
CA GLU A 246 10.07 -12.46 -19.00
C GLU A 246 10.04 -11.05 -18.50
N ASN A 247 8.99 -10.32 -18.86
CA ASN A 247 8.87 -8.92 -18.45
C ASN A 247 9.02 -8.80 -16.96
N LEU A 248 8.33 -9.70 -16.27
CA LEU A 248 8.35 -9.72 -14.80
C LEU A 248 9.69 -10.16 -14.19
N ASP A 249 10.56 -10.83 -14.97
CA ASP A 249 11.85 -11.26 -14.42
C ASP A 249 12.96 -10.23 -14.67
N VAL A 250 12.89 -9.13 -13.94
CA VAL A 250 13.75 -8.02 -14.25
C VAL A 250 14.49 -7.58 -13.01
N PHE A 251 14.47 -8.44 -12.00
CA PHE A 251 15.13 -8.15 -10.74
C PHE A 251 16.41 -8.99 -10.60
N GLY A 252 16.58 -10.00 -11.46
CA GLY A 252 17.80 -10.81 -11.45
C GLY A 252 19.09 -10.08 -11.80
N PHE A 253 19.02 -8.79 -12.05
CA PHE A 253 20.20 -8.02 -12.42
C PHE A 253 20.03 -6.53 -12.09
N VAL A 254 20.91 -5.71 -12.68
CA VAL A 254 21.02 -4.30 -12.38
C VAL A 254 21.86 -3.72 -13.51
N LEU A 255 21.90 -2.40 -13.63
CA LEU A 255 22.70 -1.74 -14.69
C LEU A 255 23.59 -0.61 -14.16
N ASP A 256 24.62 -0.27 -14.94
CA ASP A 256 25.58 0.78 -14.56
C ASP A 256 25.23 2.11 -15.21
N ALA A 257 25.98 3.16 -14.84
CA ALA A 257 25.76 4.49 -15.39
C ALA A 257 26.30 4.61 -16.82
N ASP A 258 27.22 3.72 -17.15
CA ASP A 258 27.69 3.60 -18.51
C ASP A 258 26.49 3.19 -19.34
N ASP A 259 25.78 2.19 -18.85
CA ASP A 259 24.48 1.81 -19.37
C ASP A 259 23.44 2.93 -19.30
N MET A 260 23.16 3.42 -18.08
CA MET A 260 22.06 4.38 -17.87
C MET A 260 22.21 5.65 -18.71
N GLN A 261 23.42 6.21 -18.76
CA GLN A 261 23.61 7.44 -19.52
C GLN A 261 23.85 7.12 -21.02
N ALA A 262 23.86 5.83 -21.39
CA ALA A 262 23.87 5.37 -22.79
C ALA A 262 22.47 5.13 -23.40
N ILE A 263 21.49 4.83 -22.55
CA ILE A 263 20.08 4.78 -22.99
C ILE A 263 19.42 6.16 -22.84
N GLU A 264 20.11 7.07 -22.18
CA GLU A 264 19.65 8.44 -22.05
C GLU A 264 19.90 9.25 -23.30
N GLN A 265 20.82 8.77 -24.15
CA GLN A 265 21.10 9.42 -25.44
C GLN A 265 20.01 9.17 -26.47
N MET A 266 19.19 8.16 -26.19
CA MET A 266 18.13 7.78 -27.10
C MET A 266 16.96 8.77 -27.13
N ASP A 267 16.90 9.67 -26.14
CA ASP A 267 15.85 10.69 -26.05
C ASP A 267 15.87 11.59 -27.28
N ARG A 268 14.70 11.79 -27.88
CA ARG A 268 14.52 12.80 -28.91
C ARG A 268 13.48 13.84 -28.47
N LYS A 269 13.59 15.06 -29.02
CA LYS A 269 12.59 16.09 -28.74
C LYS A 269 11.26 15.74 -29.42
N ASP A 270 11.38 15.15 -30.62
CA ASP A 270 10.28 14.73 -31.49
C ASP A 270 9.81 13.27 -31.25
N GLY A 271 10.24 12.68 -30.13
CA GLY A 271 9.98 11.27 -29.87
C GLY A 271 8.56 10.87 -29.49
N ARG A 272 7.64 11.84 -29.35
CA ARG A 272 6.24 11.54 -29.02
C ARG A 272 5.65 10.73 -30.15
N MET A 273 4.68 9.87 -29.84
CA MET A 273 4.09 9.03 -30.86
C MET A 273 2.56 9.04 -30.80
N GLY A 274 1.99 9.60 -29.74
CA GLY A 274 0.56 9.53 -29.55
C GLY A 274 -0.07 10.88 -29.41
N ALA A 275 -1.34 10.87 -29.04
CA ALA A 275 -2.04 12.09 -28.90
C ALA A 275 -1.21 13.09 -28.05
N ASP A 276 -1.16 14.36 -28.50
CA ASP A 276 -0.60 15.45 -27.71
C ASP A 276 -1.80 15.86 -26.91
N PRO A 277 -1.71 15.75 -25.57
CA PRO A 277 -2.90 15.81 -24.73
C PRO A 277 -3.46 17.23 -24.66
N ASN A 278 -2.58 18.21 -24.88
CA ASN A 278 -2.98 19.58 -25.14
C ASN A 278 -3.97 19.66 -26.28
N THR A 279 -3.72 18.91 -27.36
CA THR A 279 -4.46 19.03 -28.63
C THR A 279 -5.38 17.83 -29.04
N ALA A 280 -5.42 16.77 -28.23
CA ALA A 280 -6.04 15.50 -28.64
C ALA A 280 -7.56 15.54 -28.62
N LYS A 281 -8.19 15.03 -29.67
CA LYS A 281 -9.64 15.11 -29.83
C LYS A 281 -10.28 13.79 -30.23
N PHE A 282 -11.34 13.45 -29.49
CA PHE A 282 -11.84 12.09 -29.43
C PHE A 282 -13.36 11.96 -29.66
N GLU B 12 -14.98 -18.58 25.45
CA GLU B 12 -14.17 -18.19 26.65
C GLU B 12 -13.54 -16.81 26.47
N ALA B 13 -12.86 -16.33 27.51
CA ALA B 13 -12.35 -14.96 27.55
C ALA B 13 -11.13 -14.70 26.65
N GLN B 14 -10.97 -13.42 26.33
CA GLN B 14 -9.84 -12.95 25.55
C GLN B 14 -8.58 -13.01 26.36
N THR B 15 -7.44 -12.91 25.67
CA THR B 15 -6.12 -13.04 26.28
C THR B 15 -5.26 -11.80 26.02
N VAL B 16 -4.56 -11.33 27.06
CA VAL B 16 -3.75 -10.11 26.97
C VAL B 16 -2.31 -10.44 26.83
N ILE B 17 -1.54 -9.40 26.62
CA ILE B 17 -0.13 -9.51 26.47
C ILE B 17 0.54 -8.44 27.28
N SER B 18 1.80 -8.69 27.59
CA SER B 18 2.51 -8.00 28.62
C SER B 18 3.89 -7.60 28.13
N PHE B 19 4.37 -6.46 28.54
CA PHE B 19 5.61 -5.95 28.02
C PHE B 19 6.72 -5.93 29.03
N HIS B 20 7.94 -5.73 28.53
CA HIS B 20 9.13 -5.59 29.37
C HIS B 20 9.00 -4.41 30.35
N ASP B 21 8.19 -3.41 29.99
CA ASP B 21 7.98 -2.29 30.91
C ASP B 21 6.79 -2.56 31.83
N GLY B 22 6.37 -3.82 31.90
CA GLY B 22 5.39 -4.23 32.89
C GLY B 22 3.96 -3.83 32.58
N HIS B 23 3.77 -3.00 31.55
CA HIS B 23 2.42 -2.59 31.14
C HIS B 23 1.77 -3.71 30.36
N THR B 24 0.46 -3.67 30.20
CA THR B 24 -0.19 -4.78 29.57
C THR B 24 -1.26 -4.33 28.61
N MET B 25 -1.30 -4.98 27.44
CA MET B 25 -2.21 -4.62 26.39
C MET B 25 -2.85 -5.86 25.86
N PRO B 26 -4.19 -5.85 25.73
CA PRO B 26 -4.94 -6.96 25.16
C PRO B 26 -4.41 -7.40 23.80
N GLN B 27 -4.46 -8.70 23.54
CA GLN B 27 -3.79 -9.24 22.35
C GLN B 27 -4.62 -9.15 21.07
N ILE B 28 -5.93 -8.90 21.17
CA ILE B 28 -6.69 -8.49 19.99
C ILE B 28 -7.45 -7.12 20.13
N GLY B 29 -7.21 -6.25 19.15
CA GLY B 29 -7.85 -4.97 19.09
C GLY B 29 -8.48 -4.69 17.74
N LEU B 30 -9.04 -3.49 17.60
CA LEU B 30 -9.65 -3.11 16.36
C LEU B 30 -8.71 -2.14 15.75
N GLY B 31 -8.56 -2.21 14.43
CA GLY B 31 -7.76 -1.27 13.69
C GLY B 31 -8.75 -0.33 13.05
N VAL B 32 -8.38 0.93 12.94
CA VAL B 32 -9.27 1.96 12.40
C VAL B 32 -8.57 2.67 11.26
N TRP B 33 -7.69 1.94 10.60
CA TRP B 33 -7.01 2.52 9.46
C TRP B 33 -7.88 2.38 8.26
N GLU B 34 -7.83 3.41 7.42
CA GLU B 34 -8.44 3.36 6.09
C GLU B 34 -9.95 3.52 6.24
N THR B 35 -10.34 4.45 7.10
CA THR B 35 -11.71 4.58 7.51
C THR B 35 -12.10 6.06 7.60
N PRO B 36 -13.21 6.44 6.95
CA PRO B 36 -13.63 7.83 6.99
C PRO B 36 -14.06 8.27 8.39
N PRO B 37 -13.97 9.58 8.68
CA PRO B 37 -14.42 10.09 9.97
C PRO B 37 -15.90 9.83 10.26
N ASP B 38 -16.73 9.95 9.23
CA ASP B 38 -18.19 9.92 9.39
C ASP B 38 -18.76 8.51 9.60
N GLU B 39 -17.90 7.51 9.41
CA GLU B 39 -18.23 6.14 9.78
C GLU B 39 -17.27 5.61 10.85
N THR B 40 -16.08 6.22 10.99
CA THR B 40 -15.12 5.85 12.05
C THR B 40 -15.86 5.49 13.36
N ALA B 41 -16.71 6.41 13.80
CA ALA B 41 -17.18 6.45 15.19
C ALA B 41 -18.29 5.45 15.53
N GLU B 42 -19.21 5.23 14.60
CA GLU B 42 -20.37 4.40 14.88
C GLU B 42 -19.89 2.99 14.93
N VAL B 43 -18.79 2.77 14.22
CA VAL B 43 -18.07 1.48 14.16
C VAL B 43 -17.30 1.22 15.44
N VAL B 44 -16.56 2.22 15.91
CA VAL B 44 -15.88 2.08 17.18
C VAL B 44 -16.93 1.57 18.20
N LYS B 45 -18.05 2.30 18.33
CA LYS B 45 -19.22 1.83 19.10
C LYS B 45 -19.69 0.39 18.77
N GLU B 46 -20.12 0.16 17.53
CA GLU B 46 -20.42 -1.20 17.08
C GLU B 46 -19.39 -2.16 17.71
N ALA B 47 -18.10 -1.84 17.53
CA ALA B 47 -16.97 -2.71 17.92
C ALA B 47 -16.78 -2.91 19.41
N VAL B 48 -16.64 -1.78 20.11
CA VAL B 48 -16.55 -1.80 21.57
C VAL B 48 -17.60 -2.71 22.17
N LYS B 49 -18.86 -2.36 21.93
CA LYS B 49 -20.00 -3.14 22.40
C LYS B 49 -19.76 -4.62 22.12
N LEU B 50 -19.41 -4.96 20.88
CA LEU B 50 -19.20 -6.36 20.53
C LEU B 50 -18.14 -7.06 21.38
N GLY B 51 -17.38 -6.29 22.17
CA GLY B 51 -16.43 -6.84 23.15
C GLY B 51 -14.96 -6.43 22.98
N TYR B 52 -14.66 -5.59 22.00
CA TYR B 52 -13.28 -5.15 21.74
C TYR B 52 -12.78 -4.28 22.87
N ARG B 53 -11.48 -4.36 23.15
CA ARG B 53 -10.91 -3.68 24.31
C ARG B 53 -9.71 -2.79 23.97
N SER B 54 -9.38 -2.72 22.68
CA SER B 54 -8.24 -1.98 22.21
C SER B 54 -8.61 -1.48 20.84
N VAL B 55 -8.30 -0.20 20.63
CA VAL B 55 -8.42 0.43 19.33
C VAL B 55 -7.07 1.01 18.88
N ALA B 56 -6.87 1.04 17.57
CA ALA B 56 -5.61 1.45 16.99
C ALA B 56 -5.80 2.22 15.67
N THR B 57 -5.01 3.30 15.54
CA THR B 57 -4.99 4.19 14.36
C THR B 57 -3.58 4.73 14.08
N ALA B 58 -3.50 5.61 13.09
CA ALA B 58 -2.35 6.43 12.90
C ALA B 58 -2.83 7.86 12.73
N ARG B 59 -1.88 8.78 12.83
CA ARG B 59 -2.08 10.16 12.40
C ARG B 59 -2.56 10.02 10.97
N LEU B 60 -1.70 9.41 10.14
CA LEU B 60 -1.89 9.16 8.71
C LEU B 60 -3.31 9.07 8.16
N TYR B 61 -4.18 8.30 8.78
CA TYR B 61 -5.48 8.03 8.18
C TYR B 61 -6.45 9.15 8.42
N LYS B 62 -5.95 10.30 8.88
CA LYS B 62 -6.76 11.50 9.06
C LYS B 62 -8.06 11.20 9.80
N ASN B 63 -8.00 10.40 10.87
CA ASN B 63 -9.25 10.04 11.55
C ASN B 63 -9.15 9.71 13.03
N GLU B 64 -8.26 10.39 13.74
CA GLU B 64 -8.20 10.29 15.20
C GLU B 64 -9.53 10.74 15.84
N GLU B 65 -10.08 11.85 15.36
CA GLU B 65 -11.24 12.49 16.02
C GLU B 65 -12.42 11.55 16.18
N GLY B 66 -12.84 10.95 15.08
CA GLY B 66 -13.97 10.05 15.11
C GLY B 66 -13.77 8.97 16.15
N VAL B 67 -12.50 8.66 16.46
CA VAL B 67 -12.19 7.57 17.38
C VAL B 67 -12.39 8.02 18.82
N GLY B 68 -11.73 9.11 19.20
CA GLY B 68 -11.94 9.74 20.50
C GLY B 68 -13.40 10.08 20.79
N LYS B 69 -14.10 10.60 19.78
CA LYS B 69 -15.56 10.80 19.86
C LYS B 69 -16.34 9.47 19.97
N GLY B 70 -15.77 8.40 19.43
CA GLY B 70 -16.33 7.06 19.58
C GLY B 70 -16.07 6.55 20.99
N LEU B 71 -14.81 6.65 21.41
CA LEU B 71 -14.40 6.34 22.80
C LEU B 71 -14.76 7.52 23.70
N GLU B 72 -16.08 7.74 23.83
CA GLU B 72 -16.65 8.83 24.60
C GLU B 72 -16.18 8.68 26.04
N ASP B 73 -16.75 7.68 26.71
CA ASP B 73 -16.37 7.36 28.06
C ASP B 73 -16.28 5.86 28.15
N HIS B 74 -15.43 5.32 27.29
CA HIS B 74 -14.87 3.98 27.44
C HIS B 74 -13.35 4.17 27.49
N PRO B 75 -12.85 4.56 28.69
CA PRO B 75 -11.49 5.00 28.81
C PRO B 75 -10.58 3.87 29.20
N GLU B 76 -11.15 2.70 29.45
CA GLU B 76 -10.34 1.56 29.76
C GLU B 76 -9.61 1.12 28.51
N ILE B 77 -10.37 1.16 27.42
CA ILE B 77 -9.94 0.66 26.12
C ILE B 77 -8.59 1.20 25.72
N PHE B 78 -7.67 0.29 25.50
CA PHE B 78 -6.30 0.59 25.15
C PHE B 78 -6.30 1.46 23.91
N LEU B 79 -5.36 2.39 23.83
CA LEU B 79 -5.29 3.24 22.68
C LEU B 79 -3.87 3.39 22.15
N THR B 80 -3.80 3.43 20.82
CA THR B 80 -2.60 3.17 20.06
C THR B 80 -2.65 4.13 18.88
N THR B 81 -1.62 4.93 18.71
CA THR B 81 -1.55 5.87 17.59
C THR B 81 -0.12 5.97 17.09
N LYS B 82 0.04 6.49 15.88
CA LYS B 82 1.33 6.51 15.24
C LYS B 82 1.75 7.91 14.79
N LEU B 83 2.96 8.28 15.17
CA LEU B 83 3.61 9.49 14.69
C LEU B 83 3.95 9.42 13.19
N TRP B 84 3.45 10.40 12.43
CA TRP B 84 3.65 10.42 10.97
C TRP B 84 4.99 11.08 10.57
N ASN B 85 5.47 10.74 9.38
CA ASN B 85 6.88 10.89 8.99
C ASN B 85 7.47 12.28 8.85
N ASP B 86 6.72 13.21 8.30
CA ASP B 86 7.09 14.62 8.36
C ASP B 86 7.55 15.00 9.78
N GLU B 87 6.67 14.77 10.75
CA GLU B 87 6.87 15.25 12.11
C GLU B 87 7.81 14.39 12.94
N GLN B 88 8.56 13.49 12.32
CA GLN B 88 9.74 12.97 13.01
C GLN B 88 10.49 14.21 13.55
N GLY B 89 11.14 14.07 14.71
CA GLY B 89 11.86 15.19 15.35
C GLY B 89 11.13 15.80 16.54
N TYR B 90 11.93 16.19 17.54
CA TYR B 90 11.48 16.53 18.92
C TYR B 90 10.35 17.55 19.03
N ASP B 91 10.65 18.79 18.66
CA ASP B 91 9.70 19.89 18.82
C ASP B 91 8.27 19.50 18.38
N SER B 92 8.21 18.94 17.17
CA SER B 92 6.95 18.62 16.48
C SER B 92 6.36 17.25 16.85
N THR B 93 7.19 16.38 17.42
CA THR B 93 6.71 15.08 17.90
C THR B 93 5.75 15.27 19.11
N LEU B 94 6.17 16.05 20.11
CA LEU B 94 5.38 16.22 21.36
C LEU B 94 4.09 16.99 21.11
N ARG B 95 4.10 17.82 20.06
CA ARG B 95 2.90 18.56 19.60
C ARG B 95 1.89 17.63 18.92
N ALA B 96 2.40 16.80 17.99
CA ALA B 96 1.58 15.81 17.32
C ALA B 96 0.99 14.88 18.35
N TYR B 97 1.87 14.44 19.25
CA TYR B 97 1.48 13.58 20.34
C TYR B 97 0.22 14.09 21.02
N GLU B 98 0.19 15.40 21.26
CA GLU B 98 -0.89 15.99 22.05
C GLU B 98 -2.11 16.37 21.20
N GLU B 99 -1.90 16.79 19.96
CA GLU B 99 -3.04 16.97 19.07
C GLU B 99 -3.70 15.62 18.88
N SER B 100 -2.86 14.59 18.79
CA SER B 100 -3.35 13.22 18.79
C SER B 100 -4.15 13.04 20.10
N ALA B 101 -3.49 13.23 21.26
CA ALA B 101 -4.17 13.17 22.55
C ALA B 101 -5.46 13.96 22.54
N ARG B 102 -5.39 15.23 22.12
CA ARG B 102 -6.59 16.09 22.01
C ARG B 102 -7.63 15.55 21.02
N LEU B 103 -7.19 15.14 19.83
CA LEU B 103 -8.10 14.59 18.82
C LEU B 103 -8.76 13.35 19.38
N LEU B 104 -7.93 12.49 19.96
CA LEU B 104 -8.37 11.27 20.64
C LEU B 104 -9.20 11.62 21.86
N ARG B 105 -8.84 12.74 22.47
CA ARG B 105 -9.45 13.26 23.71
C ARG B 105 -8.63 12.78 24.91
N ARG B 106 -8.14 11.54 24.88
CA ARG B 106 -7.44 11.07 26.04
C ARG B 106 -6.14 11.81 26.31
N PRO B 107 -6.00 12.27 27.55
CA PRO B 107 -4.78 12.93 28.04
C PRO B 107 -3.56 12.02 27.97
N VAL B 108 -3.78 10.76 28.34
CA VAL B 108 -2.77 9.71 28.35
C VAL B 108 -3.08 8.59 27.34
N LEU B 109 -2.02 8.12 26.67
CA LEU B 109 -2.15 7.13 25.64
C LEU B 109 -1.34 5.93 25.99
N ASP B 110 -2.01 4.78 25.92
CA ASP B 110 -1.42 3.54 26.29
C ASP B 110 -0.20 3.27 25.44
N LEU B 111 -0.34 3.40 24.12
CA LEU B 111 0.79 3.21 23.21
C LEU B 111 0.93 4.30 22.15
N TYR B 112 2.18 4.70 21.90
CA TYR B 112 2.50 5.62 20.81
C TYR B 112 3.61 4.97 20.04
N LEU B 113 3.55 5.08 18.72
CA LEU B 113 4.49 4.40 17.87
C LEU B 113 4.99 5.29 16.77
N ILE B 114 6.25 5.07 16.39
CA ILE B 114 6.82 5.72 15.23
C ILE B 114 6.45 4.91 14.00
N HIS B 115 5.67 5.53 13.11
CA HIS B 115 5.06 4.83 11.98
C HIS B 115 6.04 4.11 11.04
N TRP B 116 7.19 4.71 10.79
CA TRP B 116 8.18 4.22 9.81
C TRP B 116 9.53 4.77 10.19
N PRO B 117 10.56 3.92 10.20
CA PRO B 117 11.85 4.47 10.55
C PRO B 117 12.17 5.71 9.74
N MET B 118 12.24 5.53 8.41
CA MET B 118 12.74 6.56 7.46
C MET B 118 14.19 6.92 7.79
N PRO B 119 15.11 5.97 7.52
CA PRO B 119 16.49 6.21 7.88
C PRO B 119 17.02 7.45 7.16
N ALA B 120 16.96 7.44 5.83
CA ALA B 120 17.55 8.54 5.06
C ALA B 120 16.85 9.88 5.38
N GLN B 121 16.04 9.93 6.42
CA GLN B 121 15.64 11.21 6.99
C GLN B 121 16.57 11.63 8.15
N GLY B 122 17.47 10.75 8.60
CA GLY B 122 18.31 11.03 9.79
C GLY B 122 17.60 11.35 11.13
N GLN B 123 16.45 12.03 11.06
CA GLN B 123 15.60 12.46 12.21
C GLN B 123 15.05 11.37 13.17
N TYR B 124 15.33 10.09 12.97
CA TYR B 124 14.56 9.09 13.71
C TYR B 124 15.04 8.80 15.14
N VAL B 125 16.33 8.52 15.31
CA VAL B 125 16.92 8.39 16.64
C VAL B 125 16.58 9.66 17.43
N GLU B 126 16.82 10.82 16.83
CA GLU B 126 16.28 12.09 17.32
C GLU B 126 14.87 11.86 17.85
N THR B 127 13.99 11.40 16.95
CA THR B 127 12.57 11.22 17.22
C THR B 127 12.26 10.27 18.37
N TRP B 128 12.96 9.14 18.37
CA TRP B 128 12.82 8.14 19.41
C TRP B 128 12.93 8.75 20.79
N LYS B 129 13.86 9.69 20.94
CA LYS B 129 14.15 10.31 22.22
C LYS B 129 13.06 11.29 22.62
N ALA B 130 12.21 11.66 21.67
CA ALA B 130 11.08 12.54 21.95
C ALA B 130 10.00 11.80 22.72
N LEU B 131 9.93 10.48 22.49
CA LEU B 131 8.97 9.62 23.16
C LEU B 131 9.40 9.48 24.58
N VAL B 132 10.62 8.95 24.75
CA VAL B 132 11.22 8.72 26.07
C VAL B 132 10.99 9.92 27.00
N GLU B 133 11.39 11.12 26.59
CA GLU B 133 11.04 12.35 27.33
C GLU B 133 9.50 12.57 27.59
N LEU B 134 8.62 11.67 27.10
CA LEU B 134 7.16 11.67 27.40
C LEU B 134 6.68 10.47 28.24
N LYS B 135 7.50 9.41 28.21
CA LYS B 135 7.33 8.18 28.96
C LYS B 135 7.80 8.43 30.38
N LYS B 136 9.07 8.85 30.52
CA LYS B 136 9.66 9.31 31.78
C LYS B 136 8.75 10.31 32.47
N SER B 137 8.10 11.18 31.71
CA SER B 137 7.12 12.12 32.25
C SER B 137 5.71 11.49 32.44
N GLY B 138 5.43 10.41 31.72
CA GLY B 138 4.20 9.66 31.90
C GLY B 138 2.96 10.21 31.23
N ARG B 139 3.10 11.01 30.17
CA ARG B 139 1.93 11.34 29.31
C ARG B 139 1.74 10.13 28.39
N VAL B 140 2.84 9.39 28.16
CA VAL B 140 2.82 8.07 27.51
C VAL B 140 2.96 6.96 28.53
N LYS B 141 2.00 6.04 28.53
CA LYS B 141 2.14 4.85 29.33
C LYS B 141 3.30 4.03 28.78
N SER B 142 3.13 3.46 27.60
CA SER B 142 4.14 2.55 27.03
C SER B 142 4.62 3.02 25.66
N ILE B 143 5.83 2.62 25.29
CA ILE B 143 6.47 3.19 24.12
C ILE B 143 7.03 2.17 23.16
N GLY B 144 6.79 2.42 21.86
CA GLY B 144 7.12 1.47 20.82
C GLY B 144 7.27 2.04 19.43
N VAL B 145 7.55 1.13 18.49
CA VAL B 145 7.96 1.45 17.12
C VAL B 145 7.12 0.69 16.07
N SER B 146 7.28 1.06 14.79
CA SER B 146 6.66 0.27 13.72
C SER B 146 7.39 0.30 12.39
N ASN B 147 7.61 -0.87 11.83
CA ASN B 147 8.36 -1.02 10.56
C ASN B 147 9.86 -1.12 10.67
N PHE B 148 10.39 -1.22 11.89
CA PHE B 148 11.84 -1.24 12.07
C PHE B 148 12.45 -2.63 11.77
N GLU B 149 13.77 -2.59 11.56
CA GLU B 149 14.65 -3.73 11.29
C GLU B 149 15.69 -3.78 12.42
N SER B 150 16.28 -4.94 12.65
CA SER B 150 17.37 -5.04 13.64
C SER B 150 18.32 -3.83 13.52
N GLU B 151 18.83 -3.63 12.31
CA GLU B 151 19.72 -2.51 11.97
C GLU B 151 19.16 -1.12 12.40
N HIS B 152 17.84 -1.00 12.55
CA HIS B 152 17.19 0.25 12.96
C HIS B 152 17.01 0.33 14.45
N LEU B 153 17.00 -0.85 15.07
CA LEU B 153 16.71 -0.99 16.50
C LEU B 153 17.95 -0.71 17.32
N GLU B 154 19.08 -1.27 16.90
CA GLU B 154 20.38 -0.87 17.42
C GLU B 154 20.39 0.66 17.61
N ARG B 155 20.52 1.43 16.55
CA ARG B 155 20.77 2.87 16.72
C ARG B 155 19.82 3.55 17.72
N ILE B 156 18.76 2.84 18.14
CA ILE B 156 17.77 3.33 19.13
C ILE B 156 18.01 2.78 20.54
N MET B 157 18.40 1.51 20.62
CA MET B 157 18.80 0.92 21.88
C MET B 157 20.22 1.38 22.17
N ASP B 158 21.12 1.15 21.22
CA ASP B 158 22.55 1.39 21.40
C ASP B 158 22.93 2.88 21.56
N ALA B 159 22.01 3.78 21.23
CA ALA B 159 22.22 5.20 21.54
C ALA B 159 21.12 5.78 22.44
N THR B 160 20.42 4.95 23.21
CA THR B 160 19.55 5.44 24.32
C THR B 160 19.25 4.42 25.44
N GLY B 161 19.51 3.14 25.22
CA GLY B 161 19.25 2.12 26.26
C GLY B 161 17.79 1.71 26.45
N VAL B 162 16.86 2.63 26.15
CA VAL B 162 15.42 2.30 26.21
C VAL B 162 14.95 1.53 24.97
N VAL B 163 14.71 0.25 25.16
CA VAL B 163 14.12 -0.59 24.11
C VAL B 163 12.63 -0.23 24.03
N PRO B 164 12.05 -0.20 22.82
CA PRO B 164 10.60 -0.12 22.70
C PRO B 164 10.00 -1.48 23.03
N VAL B 165 8.70 -1.48 23.36
CA VAL B 165 7.97 -2.67 23.81
C VAL B 165 7.42 -3.53 22.68
N VAL B 166 7.05 -2.85 21.59
CA VAL B 166 6.36 -3.42 20.46
C VAL B 166 7.08 -2.89 19.21
N ASN B 167 7.04 -3.69 18.16
CA ASN B 167 7.30 -3.20 16.83
C ASN B 167 6.23 -3.83 15.92
N GLN B 168 5.46 -2.96 15.27
CA GLN B 168 4.42 -3.38 14.33
C GLN B 168 5.05 -3.61 12.99
N ILE B 169 4.88 -4.81 12.44
CA ILE B 169 5.53 -5.21 11.18
C ILE B 169 4.71 -6.17 10.28
N GLU B 170 4.83 -5.96 8.98
CA GLU B 170 4.13 -6.79 8.05
C GLU B 170 4.33 -8.22 8.50
N LEU B 171 3.21 -8.91 8.71
CA LEU B 171 3.26 -10.32 9.05
C LEU B 171 1.95 -11.04 8.73
N HIS B 172 2.05 -12.00 7.83
CA HIS B 172 0.94 -12.87 7.53
C HIS B 172 1.49 -14.28 7.30
N PRO B 173 0.59 -15.27 7.08
CA PRO B 173 1.06 -16.62 6.79
C PRO B 173 2.14 -16.67 5.72
N ASP B 174 1.98 -15.90 4.66
CA ASP B 174 2.93 -15.88 3.53
C ASP B 174 4.27 -15.20 3.82
N PHE B 175 4.39 -14.54 4.97
CA PHE B 175 5.57 -13.74 5.30
C PHE B 175 5.63 -13.62 6.82
N GLN B 176 6.44 -14.48 7.42
CA GLN B 176 6.41 -14.72 8.87
C GLN B 176 7.56 -14.04 9.65
N GLN B 177 8.50 -13.43 8.92
CA GLN B 177 9.57 -12.60 9.52
C GLN B 177 10.29 -13.30 10.68
N ARG B 178 10.57 -14.59 10.46
CA ARG B 178 11.01 -15.46 11.54
C ARG B 178 12.37 -15.05 12.00
N ALA B 179 13.15 -14.50 11.09
CA ALA B 179 14.28 -13.68 11.49
C ALA B 179 13.92 -12.71 12.63
N LEU B 180 13.36 -11.56 12.24
CA LEU B 180 13.10 -10.45 13.15
C LEU B 180 12.25 -10.83 14.36
N ARG B 181 11.47 -11.90 14.22
CA ARG B 181 10.80 -12.50 15.36
C ARG B 181 11.76 -13.09 16.40
N GLU B 182 12.94 -13.56 15.97
CA GLU B 182 14.00 -14.03 16.88
C GLU B 182 14.84 -12.91 17.43
N PHE B 183 15.12 -11.92 16.60
CA PHE B 183 15.75 -10.72 17.10
C PHE B 183 14.83 -10.07 18.11
N HIS B 184 13.53 -10.06 17.82
CA HIS B 184 12.52 -9.47 18.71
C HIS B 184 12.58 -10.11 20.10
N GLU B 185 12.56 -11.44 20.15
CA GLU B 185 12.54 -12.20 21.42
C GLU B 185 13.75 -11.98 22.33
N LYS B 186 14.96 -12.20 21.80
CA LYS B 186 16.20 -12.01 22.57
C LYS B 186 16.24 -10.69 23.32
N HIS B 187 15.67 -9.64 22.72
CA HIS B 187 15.57 -8.34 23.39
C HIS B 187 14.19 -8.12 24.02
N ASN B 188 13.39 -9.18 24.02
CA ASN B 188 12.10 -9.19 24.68
C ASN B 188 11.14 -8.19 24.08
N ILE B 189 10.99 -8.27 22.76
CA ILE B 189 10.06 -7.41 22.03
C ILE B 189 8.94 -8.27 21.43
N ARG B 190 7.74 -7.68 21.47
CA ARG B 190 6.52 -8.31 21.02
C ARG B 190 6.25 -7.73 19.66
N THR B 191 5.64 -8.53 18.82
CA THR B 191 5.46 -8.14 17.46
C THR B 191 3.98 -7.89 17.28
N GLU B 192 3.69 -6.94 16.39
CA GLU B 192 2.34 -6.60 16.01
C GLU B 192 2.21 -6.89 14.54
N SER B 193 1.26 -7.74 14.19
CA SER B 193 1.09 -8.14 12.80
C SER B 193 0.34 -7.05 12.00
N TRP B 194 1.02 -6.56 10.95
CA TRP B 194 0.45 -5.63 9.99
C TRP B 194 0.02 -6.38 8.73
N ARG B 195 -1.07 -5.97 8.13
CA ARG B 195 -1.58 -6.64 6.93
C ARG B 195 -1.70 -8.16 7.18
N PRO B 196 -2.22 -8.56 8.36
CA PRO B 196 -2.18 -9.93 8.93
C PRO B 196 -2.81 -11.02 8.10
N LEU B 197 -3.78 -10.67 7.26
CA LEU B 197 -4.38 -11.65 6.35
C LEU B 197 -3.80 -11.50 4.94
N GLY B 198 -2.63 -10.88 4.81
CA GLY B 198 -2.06 -10.63 3.50
C GLY B 198 -3.11 -10.16 2.50
N LYS B 199 -3.70 -9.02 2.81
CA LYS B 199 -4.59 -8.34 1.88
C LYS B 199 -5.82 -9.16 1.52
N GLY B 200 -5.82 -10.45 1.90
CA GLY B 200 -6.87 -11.38 1.54
C GLY B 200 -6.40 -12.71 0.96
N ARG B 201 -5.17 -12.81 0.47
CA ARG B 201 -4.77 -14.01 -0.26
C ARG B 201 -5.12 -15.21 0.58
N VAL B 202 -4.54 -15.19 1.76
CA VAL B 202 -4.89 -16.04 2.87
C VAL B 202 -6.34 -16.59 2.85
N LEU B 203 -7.33 -15.76 2.57
CA LEU B 203 -8.72 -16.20 2.64
C LEU B 203 -9.00 -17.35 1.69
N SER B 204 -8.77 -17.11 0.40
CA SER B 204 -9.12 -18.10 -0.62
C SER B 204 -8.00 -19.11 -0.88
N ASP B 205 -7.08 -19.27 0.06
CA ASP B 205 -6.12 -20.35 -0.01
C ASP B 205 -6.80 -21.68 0.40
N GLU B 206 -6.65 -22.66 -0.50
CA GLU B 206 -7.06 -24.06 -0.30
C GLU B 206 -6.52 -24.64 1.00
N ARG B 207 -5.32 -24.25 1.39
CA ARG B 207 -4.68 -24.79 2.60
C ARG B 207 -5.47 -24.40 3.86
N ILE B 208 -5.72 -23.09 3.96
CA ILE B 208 -6.52 -22.54 5.04
C ILE B 208 -7.96 -23.07 4.94
N GLY B 209 -8.43 -23.31 3.72
CA GLY B 209 -9.75 -23.92 3.53
C GLY B 209 -9.94 -25.21 4.32
N LYS B 210 -8.96 -26.11 4.20
CA LYS B 210 -8.95 -27.45 4.82
C LYS B 210 -9.14 -27.38 6.34
N ILE B 211 -8.40 -26.43 6.91
CA ILE B 211 -8.36 -26.20 8.35
C ILE B 211 -9.62 -25.45 8.77
N ALA B 212 -10.09 -24.54 7.94
CA ALA B 212 -11.30 -23.82 8.25
C ALA B 212 -12.48 -24.80 8.36
N GLU B 213 -12.51 -25.78 7.46
CA GLU B 213 -13.54 -26.84 7.48
C GLU B 213 -13.35 -27.70 8.72
N LYS B 214 -12.10 -28.03 9.01
CA LYS B 214 -11.72 -28.86 10.18
C LYS B 214 -12.30 -28.40 11.52
N HIS B 215 -12.41 -27.10 11.74
CA HIS B 215 -12.96 -26.57 13.00
C HIS B 215 -14.26 -25.78 12.80
N SER B 216 -14.91 -25.96 11.66
CA SER B 216 -16.10 -25.18 11.32
C SER B 216 -15.95 -23.69 11.74
N ARG B 217 -14.83 -23.12 11.34
CA ARG B 217 -14.57 -21.69 11.49
C ARG B 217 -14.34 -21.12 10.09
N THR B 218 -14.13 -19.81 10.02
CA THR B 218 -13.83 -19.14 8.79
C THR B 218 -12.32 -19.13 8.62
N PRO B 219 -11.86 -18.97 7.37
CA PRO B 219 -10.42 -18.86 7.18
C PRO B 219 -9.86 -17.61 7.85
N ALA B 220 -10.62 -16.51 7.76
CA ALA B 220 -10.36 -15.33 8.59
C ALA B 220 -9.97 -15.77 10.00
N GLN B 221 -10.98 -16.25 10.75
CA GLN B 221 -10.79 -16.78 12.09
C GLN B 221 -9.64 -17.69 12.22
N VAL B 222 -9.47 -18.62 11.28
CA VAL B 222 -8.30 -19.53 11.34
C VAL B 222 -7.00 -18.73 11.52
N VAL B 223 -6.89 -17.71 10.68
CA VAL B 223 -5.67 -16.95 10.53
C VAL B 223 -5.41 -16.02 11.73
N ILE B 224 -6.41 -15.28 12.17
CA ILE B 224 -6.27 -14.57 13.42
C ILE B 224 -5.73 -15.53 14.49
N ARG B 225 -6.43 -16.65 14.68
CA ARG B 225 -6.05 -17.63 15.71
C ARG B 225 -4.61 -18.00 15.57
N TRP B 226 -4.18 -18.18 14.33
CA TRP B 226 -2.78 -18.43 14.06
C TRP B 226 -1.94 -17.45 14.81
N HIS B 227 -2.19 -16.18 14.51
CA HIS B 227 -1.39 -15.10 15.05
C HIS B 227 -1.40 -15.16 16.56
N LEU B 228 -2.52 -15.53 17.15
CA LEU B 228 -2.55 -15.52 18.61
C LEU B 228 -1.60 -16.58 19.13
N GLN B 229 -1.54 -17.73 18.48
CA GLN B 229 -0.76 -18.82 19.02
C GLN B 229 0.71 -18.71 18.70
N ASN B 230 1.16 -17.51 18.32
CA ASN B 230 2.57 -17.20 18.22
C ASN B 230 2.95 -16.07 19.17
N GLY B 231 1.98 -15.67 19.99
CA GLY B 231 2.15 -14.54 20.91
C GLY B 231 2.27 -13.25 20.15
N LEU B 232 1.36 -13.08 19.21
CA LEU B 232 1.39 -11.92 18.35
C LEU B 232 0.21 -11.03 18.59
N ILE B 233 0.49 -9.74 18.52
CA ILE B 233 -0.55 -8.77 18.64
C ILE B 233 -1.17 -8.52 17.26
N VAL B 234 -2.48 -8.69 17.22
CA VAL B 234 -3.22 -8.71 15.96
C VAL B 234 -4.42 -7.77 16.13
N ILE B 235 -4.57 -6.81 15.21
CA ILE B 235 -5.66 -5.81 15.31
C ILE B 235 -6.37 -5.70 13.97
N PRO B 236 -7.17 -6.72 13.66
CA PRO B 236 -7.78 -6.74 12.37
C PRO B 236 -8.86 -5.68 12.28
N LYS B 237 -8.82 -4.89 11.22
CA LYS B 237 -9.92 -3.99 10.87
C LYS B 237 -10.94 -4.62 9.91
N SER B 238 -12.20 -4.67 10.37
CA SER B 238 -13.38 -4.70 9.51
C SER B 238 -14.24 -3.45 9.77
N VAL B 239 -15.40 -3.39 9.12
CA VAL B 239 -16.47 -2.44 9.48
C VAL B 239 -17.79 -3.17 9.72
N ASN B 240 -17.98 -4.32 9.06
CA ASN B 240 -19.12 -5.22 9.30
C ASN B 240 -19.29 -5.70 10.73
N PRO B 241 -20.42 -5.34 11.37
CA PRO B 241 -20.72 -5.98 12.64
C PRO B 241 -21.00 -7.47 12.56
N LYS B 242 -20.65 -8.10 11.45
CA LYS B 242 -20.55 -9.56 11.41
C LYS B 242 -19.09 -9.98 11.46
N ARG B 243 -18.25 -9.32 10.66
CA ARG B 243 -16.83 -9.62 10.63
C ARG B 243 -16.18 -9.23 11.93
N LEU B 244 -16.68 -8.17 12.57
CA LEU B 244 -16.12 -7.73 13.83
C LEU B 244 -16.32 -8.82 14.88
N ALA B 245 -17.57 -9.23 15.06
CA ALA B 245 -17.87 -10.36 15.92
C ALA B 245 -17.14 -11.63 15.46
N GLU B 246 -17.11 -11.86 14.16
CA GLU B 246 -16.39 -13.00 13.61
C GLU B 246 -14.94 -12.91 14.02
N ASN B 247 -14.36 -11.71 13.99
CA ASN B 247 -12.94 -11.59 14.26
C ASN B 247 -12.65 -11.69 15.74
N LEU B 248 -13.60 -11.29 16.57
CA LEU B 248 -13.38 -11.28 18.02
C LEU B 248 -13.55 -12.68 18.67
N ASP B 249 -14.02 -13.63 17.86
CA ASP B 249 -14.60 -14.87 18.35
C ASP B 249 -13.63 -16.01 18.17
N VAL B 250 -12.39 -15.81 18.59
CA VAL B 250 -11.33 -16.71 18.21
C VAL B 250 -10.69 -17.40 19.43
N PHE B 251 -11.37 -17.30 20.55
CA PHE B 251 -10.96 -18.02 21.73
C PHE B 251 -11.93 -19.16 21.97
N GLY B 252 -12.71 -19.51 20.95
CA GLY B 252 -13.62 -20.62 21.04
C GLY B 252 -12.98 -21.91 20.55
N PHE B 253 -11.72 -21.84 20.12
CA PHE B 253 -11.01 -23.05 19.68
C PHE B 253 -9.51 -22.90 19.67
N VAL B 254 -8.83 -23.96 19.27
CA VAL B 254 -7.39 -24.07 19.41
C VAL B 254 -6.89 -24.94 18.26
N LEU B 255 -5.66 -24.68 17.81
CA LEU B 255 -5.17 -25.24 16.57
C LEU B 255 -4.00 -26.16 16.85
N ASP B 256 -4.12 -27.40 16.38
CA ASP B 256 -3.08 -28.43 16.61
C ASP B 256 -1.76 -28.10 15.92
N ALA B 257 -0.76 -28.94 16.14
CA ALA B 257 0.56 -28.76 15.56
C ALA B 257 0.58 -29.11 14.05
N ASP B 258 -0.32 -29.99 13.62
CA ASP B 258 -0.44 -30.31 12.20
C ASP B 258 -0.85 -29.07 11.42
N ASP B 259 -1.79 -28.33 11.98
CA ASP B 259 -2.26 -27.05 11.41
C ASP B 259 -1.15 -25.99 11.48
N MET B 260 -0.62 -25.75 12.67
CA MET B 260 0.56 -24.91 12.82
C MET B 260 1.69 -25.37 11.89
N GLN B 261 1.92 -26.67 11.76
CA GLN B 261 2.87 -27.20 10.75
C GLN B 261 2.51 -26.60 9.40
N ALA B 262 1.31 -26.92 8.93
CA ALA B 262 0.84 -26.55 7.57
C ALA B 262 1.12 -25.09 7.23
N ILE B 263 0.68 -24.21 8.14
CA ILE B 263 0.79 -22.78 8.00
C ILE B 263 2.24 -22.37 7.94
N GLU B 264 3.02 -22.82 8.91
CA GLU B 264 4.46 -22.52 8.98
C GLU B 264 5.15 -22.61 7.61
N GLN B 265 4.66 -23.53 6.78
CA GLN B 265 5.21 -23.80 5.44
C GLN B 265 4.76 -22.83 4.33
N MET B 266 3.70 -22.08 4.59
CA MET B 266 3.17 -21.10 3.63
C MET B 266 4.11 -19.92 3.38
N ASP B 267 4.95 -19.56 4.35
CA ASP B 267 5.92 -18.48 4.15
C ASP B 267 6.54 -18.60 2.76
N ARG B 268 6.77 -17.45 2.11
CA ARG B 268 7.57 -17.38 0.89
C ARG B 268 8.63 -16.28 1.07
N LYS B 269 9.74 -16.36 0.34
CA LYS B 269 10.77 -15.30 0.35
C LYS B 269 10.25 -14.07 -0.36
N ASP B 270 9.76 -14.26 -1.60
CA ASP B 270 9.08 -13.20 -2.37
C ASP B 270 7.76 -12.73 -1.69
N GLY B 271 7.79 -12.62 -0.36
CA GLY B 271 6.57 -12.66 0.46
C GLY B 271 6.06 -11.32 0.92
N ARG B 272 6.97 -10.38 1.19
CA ARG B 272 6.54 -9.04 1.56
C ARG B 272 5.58 -8.53 0.52
N MET B 273 4.61 -7.72 0.94
CA MET B 273 3.66 -7.04 0.04
C MET B 273 3.88 -5.53 0.05
N GLY B 274 4.00 -4.97 1.25
CA GLY B 274 4.20 -3.54 1.42
C GLY B 274 5.59 -3.05 1.05
N ALA B 275 6.01 -1.99 1.73
CA ALA B 275 7.28 -1.33 1.45
C ALA B 275 8.48 -1.97 2.15
N ASP B 276 9.67 -1.59 1.71
CA ASP B 276 10.90 -2.00 2.38
C ASP B 276 11.41 -0.78 3.16
N PRO B 277 11.33 -0.83 4.51
CA PRO B 277 11.64 0.30 5.40
C PRO B 277 12.84 1.11 4.98
N ASN B 278 13.84 0.40 4.42
CA ASN B 278 15.10 0.96 3.89
C ASN B 278 14.96 1.79 2.61
N THR B 279 14.33 1.17 1.59
CA THR B 279 14.15 1.79 0.27
C THR B 279 13.03 2.83 0.25
N ALA B 280 12.13 2.79 1.21
CA ALA B 280 10.80 3.34 0.98
C ALA B 280 10.66 4.83 1.24
N LYS B 281 10.61 5.62 0.17
CA LYS B 281 10.36 7.07 0.24
C LYS B 281 8.90 7.39 -0.10
N PHE B 282 8.34 8.37 0.61
CA PHE B 282 6.92 8.69 0.49
C PHE B 282 6.64 10.04 -0.21
PA NDP C . 3.92 -1.16 -25.73
O1A NDP C . 4.50 0.23 -25.90
O2A NDP C . 3.83 -1.83 -24.38
O5B NDP C . 4.72 -1.94 -26.89
C5B NDP C . 5.43 -3.14 -26.63
C4B NDP C . 4.87 -4.35 -27.36
O4B NDP C . 5.90 -5.33 -27.31
C3B NDP C . 3.64 -4.99 -26.69
O3B NDP C . 2.44 -4.86 -27.44
C2B NDP C . 3.94 -6.47 -26.60
O2B NDP C . 3.15 -7.21 -27.51
C1B NDP C . 5.39 -6.61 -26.98
N9A NDP C . 6.12 -7.26 -25.87
C8A NDP C . 5.79 -7.33 -24.56
N7A NDP C . 6.68 -8.05 -23.88
C5A NDP C . 7.63 -8.46 -24.75
C6A NDP C . 8.88 -9.25 -24.69
N6A NDP C . 9.29 -9.76 -23.52
N1A NDP C . 9.57 -9.44 -25.83
C2A NDP C . 9.16 -8.92 -27.00
N3A NDP C . 8.04 -8.20 -27.14
C4A NDP C . 7.24 -7.93 -26.06
O3 NDP C . 2.38 -1.43 -26.22
PN NDP C . 1.79 -1.45 -27.76
O1N NDP C . 1.75 -2.79 -28.44
O2N NDP C . 2.48 -0.33 -28.49
O5D NDP C . 0.24 -1.03 -27.53
C5D NDP C . -0.27 0.14 -28.17
C4D NDP C . -1.39 0.76 -27.35
O4D NDP C . -1.07 2.14 -27.14
C3D NDP C . -2.72 0.71 -28.10
O3D NDP C . -3.80 0.59 -27.16
C2D NDP C . -2.73 2.03 -28.84
O2D NDP C . -4.01 2.54 -29.26
C1D NDP C . -2.09 2.93 -27.78
N1N NDP C . -1.64 4.21 -28.35
C2N NDP C . -2.04 5.28 -27.71
C3N NDP C . -1.70 6.53 -28.15
C7N NDP C . -2.21 7.69 -27.37
O7N NDP C . -1.68 8.02 -26.31
N7N NDP C . -3.28 8.33 -27.84
C4N NDP C . -0.87 6.73 -29.38
C5N NDP C . -0.52 5.47 -30.01
C6N NDP C . -0.90 4.27 -29.47
P2B NDP C . 2.96 -8.80 -27.32
O1X NDP C . 4.14 -9.26 -26.50
O2X NDP C . 2.98 -9.25 -28.76
O3X NDP C . 1.60 -8.97 -26.65
PA NDP D . -5.93 -6.60 6.54
O1A NDP D . -4.84 -7.51 6.01
O2A NDP D . -6.11 -6.11 7.97
O5B NDP D . -7.34 -7.14 5.99
C5B NDP D . -8.54 -6.39 6.31
C4B NDP D . -9.59 -6.42 5.19
O4B NDP D . -10.25 -7.68 5.23
C3B NDP D . -10.62 -5.31 5.39
O3B NDP D . -10.85 -4.51 4.24
C2B NDP D . -11.89 -6.03 5.78
O2B NDP D . -13.03 -5.57 5.04
C1B NDP D . -11.61 -7.50 5.55
N9A NDP D . -11.96 -8.32 6.74
C8A NDP D . -11.84 -8.04 8.06
N7A NDP D . -12.28 -9.06 8.83
C5A NDP D . -12.71 -10.03 7.98
C6A NDP D . -13.32 -11.39 8.06
N6A NDP D . -13.57 -11.98 9.24
N1A NDP D . -13.61 -12.05 6.92
C2A NDP D . -13.37 -11.51 5.71
N3A NDP D . -12.83 -10.29 5.55
C4A NDP D . -12.49 -9.52 6.62
O3 NDP D . -5.99 -5.26 5.68
PN NDP D . -5.81 -5.58 4.13
O1N NDP D . -7.10 -6.03 3.50
O2N NDP D . -4.63 -6.54 4.16
O5D NDP D . -5.46 -4.13 3.46
C5D NDP D . -4.15 -3.55 3.48
C4D NDP D . -3.98 -2.63 4.68
O4D NDP D . -2.67 -2.05 4.68
C3D NDP D . -4.99 -1.49 4.60
O3D NDP D . -5.69 -1.34 5.85
C2D NDP D . -4.19 -0.26 4.21
O2D NDP D . -4.54 0.90 4.99
C1D NDP D . -2.73 -0.63 4.43
N1N NDP D . -1.77 -0.22 3.38
C2N NDP D . -0.50 -0.19 3.79
C3N NDP D . 0.53 0.18 2.97
C7N NDP D . 1.90 0.15 3.52
O7N NDP D . 2.78 -0.31 2.84
N7N NDP D . 2.09 0.59 4.77
C4N NDP D . 0.30 0.59 1.54
C5N NDP D . -1.12 0.53 1.17
C6N NDP D . -2.09 0.14 2.11
P2B NDP D . -14.36 -5.10 5.83
O1X NDP D . -14.67 -6.18 6.84
O2X NDP D . -15.34 -5.06 4.67
O3X NDP D . -14.02 -3.75 6.44
#